data_8Y58
#
_entry.id   8Y58
#
_cell.length_a   100.415
_cell.length_b   100.415
_cell.length_c   49.403
_cell.angle_alpha   90.00
_cell.angle_beta   90.00
_cell.angle_gamma   90.00
#
_symmetry.space_group_name_H-M   'P 41 21 2'
#
loop_
_entity.id
_entity.type
_entity.pdbx_description
1 polymer 'E3 ubiquitin-protein ligase TRIM21'
2 non-polymer 1-[10-(3-DIMETHYLAMINO-PROPYL)-10H-PHENOTHIAZIN-2-YL]-ETHANONE
3 non-polymer 'FORMIC ACID'
4 water water
#
_entity_poly.entity_id   1
_entity_poly.type   'polypeptide(L)'
_entity_poly.pdbx_seq_one_letter_code
;GPMVHITLDPDTANPWLILSEDRRQVRLGDTQQSIPGNEERFDSYPMVLGAQHFHSGKHYWEVDVTGKEAWALGVCRDSV
RRKGHFLLSSKSGFWTIWLWNKQKYEAGTYPQTPLHLQVPPCQVGIFLDYEAGMVSFYNITDHGSLIYSFSECAFTGPLR
PFFSPGFNDGGKNTAPLTLCPLNIGSQGSTDY
;
_entity_poly.pdbx_strand_id   A
#
loop_
_chem_comp.id
_chem_comp.type
_chem_comp.name
_chem_comp.formula
FMT non-polymer 'FORMIC ACID' 'C H2 O2'
PMZ non-polymer 1-[10-(3-DIMETHYLAMINO-PROPYL)-10H-PHENOTHIAZIN-2-YL]-ETHANONE 'C19 H22 N2 O S'
#
# COMPACT_ATOMS: atom_id res chain seq x y z
N GLY A 1 -5.06 -17.32 -12.99
CA GLY A 1 -5.96 -16.55 -12.13
C GLY A 1 -5.35 -15.26 -11.61
N PRO A 2 -6.13 -14.51 -10.85
CA PRO A 2 -5.66 -13.19 -10.46
C PRO A 2 -4.62 -13.18 -9.37
N MET A 3 -4.52 -14.23 -8.54
CA MET A 3 -3.55 -14.19 -7.44
C MET A 3 -2.16 -13.99 -8.03
N VAL A 4 -1.42 -13.05 -7.42
CA VAL A 4 -0.08 -12.79 -7.92
C VAL A 4 0.89 -12.75 -6.75
N HIS A 5 2.07 -13.33 -6.95
CA HIS A 5 3.16 -13.29 -5.96
C HIS A 5 3.87 -11.94 -6.05
N ILE A 6 3.61 -11.05 -5.09
CA ILE A 6 4.22 -9.72 -5.08
C ILE A 6 5.57 -9.79 -4.37
N THR A 7 6.57 -9.09 -4.90
CA THR A 7 7.83 -8.85 -4.18
C THR A 7 8.09 -7.37 -4.13
N LEU A 8 8.81 -6.93 -3.10
CA LEU A 8 8.99 -5.51 -2.95
C LEU A 8 10.20 -5.03 -3.76
N ASP A 9 10.04 -3.86 -4.38
CA ASP A 9 11.11 -3.24 -5.18
C ASP A 9 12.08 -2.40 -4.34
N PRO A 10 13.28 -2.90 -4.08
CA PRO A 10 14.19 -2.17 -3.17
C PRO A 10 14.56 -0.79 -3.66
N ASP A 11 14.58 -0.58 -4.99
CA ASP A 11 14.95 0.72 -5.52
C ASP A 11 13.94 1.82 -5.21
N THR A 12 12.73 1.46 -4.79
CA THR A 12 11.71 2.46 -4.43
C THR A 12 11.67 2.75 -2.94
N ALA A 13 12.30 1.93 -2.13
CA ALA A 13 12.05 1.94 -0.69
C ALA A 13 12.68 3.15 0.00
N ASN A 14 11.83 3.92 0.68
CA ASN A 14 12.33 5.03 1.48
C ASN A 14 13.38 4.56 2.50
N PRO A 15 14.39 5.39 2.80
CA PRO A 15 15.45 4.95 3.73
C PRO A 15 15.02 4.63 5.14
N TRP A 16 13.83 5.04 5.56
CA TRP A 16 13.36 4.65 6.88
C TRP A 16 12.74 3.26 6.91
N LEU A 17 12.76 2.50 5.80
CA LEU A 17 12.20 1.17 5.75
C LEU A 17 13.30 0.11 5.84
N ILE A 18 12.93 -1.05 6.39
CA ILE A 18 13.77 -2.24 6.39
C ILE A 18 13.01 -3.33 5.67
N LEU A 19 13.59 -3.85 4.60
CA LEU A 19 12.99 -4.92 3.81
C LEU A 19 13.62 -6.24 4.23
N SER A 20 12.82 -7.30 4.29
CA SER A 20 13.35 -8.64 4.57
C SER A 20 14.18 -9.13 3.38
N GLU A 21 15.04 -10.12 3.66
CA GLU A 21 15.88 -10.67 2.60
C GLU A 21 15.06 -11.17 1.41
N ASP A 22 13.90 -11.76 1.66
CA ASP A 22 13.11 -12.31 0.57
C ASP A 22 12.15 -11.28 -0.04
N ARG A 23 12.21 -10.05 0.46
CA ARG A 23 11.44 -8.91 -0.06
C ARG A 23 9.94 -9.15 -0.03
N ARG A 24 9.49 -9.91 0.97
CA ARG A 24 8.07 -10.17 1.21
C ARG A 24 7.58 -9.45 2.48
N GLN A 25 8.48 -8.76 3.20
CA GLN A 25 8.09 -8.04 4.41
C GLN A 25 8.76 -6.68 4.44
N VAL A 26 8.11 -5.71 5.09
CA VAL A 26 8.72 -4.40 5.23
C VAL A 26 8.29 -3.81 6.57
N ARG A 27 9.21 -3.14 7.25
CA ARG A 27 8.89 -2.51 8.52
C ARG A 27 9.61 -1.18 8.63
N LEU A 28 9.15 -0.38 9.61
CA LEU A 28 9.83 0.87 9.94
C LEU A 28 11.13 0.61 10.72
N GLY A 29 12.18 1.33 10.35
CA GLY A 29 13.42 1.32 11.08
C GLY A 29 13.46 2.44 12.13
N ASP A 30 14.39 2.32 13.08
CA ASP A 30 14.63 3.36 14.08
C ASP A 30 15.48 4.51 13.57
N THR A 31 16.19 4.33 12.47
CA THR A 31 17.08 5.34 11.94
C THR A 31 17.06 5.20 10.42
N GLN A 32 17.57 6.19 9.69
CA GLN A 32 17.48 6.00 8.24
C GLN A 32 18.69 5.22 7.76
N GLN A 33 18.48 4.38 6.77
CA GLN A 33 19.56 3.70 6.09
C GLN A 33 20.31 4.68 5.18
N SER A 34 21.62 4.45 4.97
CA SER A 34 22.38 5.27 4.03
C SER A 34 22.39 4.54 2.69
N ILE A 35 21.58 4.99 1.74
CA ILE A 35 21.38 4.27 0.47
C ILE A 35 21.29 5.28 -0.68
N PRO A 36 21.31 4.84 -1.94
CA PRO A 36 21.40 5.81 -3.04
C PRO A 36 20.18 6.73 -3.10
N GLY A 37 20.39 7.93 -3.66
CA GLY A 37 19.28 8.82 -3.95
C GLY A 37 18.71 8.70 -5.35
N ASN A 38 18.56 7.46 -5.79
CA ASN A 38 18.06 7.18 -7.15
C ASN A 38 16.67 7.77 -7.38
N GLU A 39 16.32 8.03 -8.63
CA GLU A 39 15.06 8.71 -9.00
C GLU A 39 13.81 7.93 -8.56
N GLU A 40 13.90 6.62 -8.44
CA GLU A 40 12.69 5.82 -8.14
C GLU A 40 12.38 5.80 -6.63
N ARG A 41 13.29 6.27 -5.80
CA ARG A 41 13.10 6.10 -4.34
C ARG A 41 12.21 7.18 -3.71
N PHE A 42 11.15 6.76 -3.02
CA PHE A 42 10.35 7.72 -2.24
C PHE A 42 11.23 8.37 -1.18
N ASP A 43 11.34 9.71 -1.17
CA ASP A 43 12.28 10.31 -0.22
C ASP A 43 11.63 10.97 0.99
N SER A 44 10.29 11.11 1.02
CA SER A 44 9.64 11.90 2.11
C SER A 44 8.72 11.13 3.05
N TYR A 45 8.33 9.91 2.75
CA TYR A 45 7.48 9.06 3.58
C TYR A 45 8.00 7.65 3.55
N PRO A 46 7.66 6.84 4.55
CA PRO A 46 8.11 5.42 4.49
C PRO A 46 7.24 4.54 3.60
N MET A 47 7.54 4.64 2.31
CA MET A 47 6.75 4.01 1.24
C MET A 47 7.64 3.18 0.35
N VAL A 48 7.04 2.17 -0.28
CA VAL A 48 7.76 1.23 -1.16
C VAL A 48 6.74 0.61 -2.10
N LEU A 49 7.19 0.28 -3.30
CA LEU A 49 6.30 -0.33 -4.29
C LEU A 49 6.64 -1.78 -4.44
N GLY A 50 5.63 -2.56 -4.90
CA GLY A 50 5.94 -3.86 -5.44
C GLY A 50 6.68 -3.78 -6.78
N ALA A 51 7.50 -4.81 -7.04
CA ALA A 51 8.28 -4.89 -8.28
C ALA A 51 7.37 -5.07 -9.49
N GLN A 52 6.23 -5.71 -9.28
CA GLN A 52 5.39 -6.07 -10.38
C GLN A 52 4.75 -4.82 -10.99
N HIS A 53 4.54 -4.89 -12.31
CA HIS A 53 3.83 -3.87 -13.09
C HIS A 53 2.55 -4.46 -13.67
N PHE A 54 1.45 -3.73 -13.61
CA PHE A 54 0.19 -4.22 -14.19
C PHE A 54 -0.22 -3.27 -15.30
N HIS A 55 -0.35 -3.79 -16.50
CA HIS A 55 -0.79 -3.02 -17.65
C HIS A 55 -2.23 -3.29 -18.06
N SER A 56 -2.81 -4.36 -17.54
CA SER A 56 -4.11 -4.86 -17.95
C SER A 56 -4.48 -5.97 -16.97
N GLY A 57 -5.75 -6.38 -16.98
CA GLY A 57 -6.14 -7.61 -16.31
C GLY A 57 -6.51 -7.46 -14.85
N LYS A 58 -6.76 -8.60 -14.23
CA LYS A 58 -7.17 -8.73 -12.85
C LYS A 58 -6.04 -9.30 -12.01
N HIS A 59 -5.86 -8.71 -10.82
CA HIS A 59 -4.72 -9.04 -9.96
C HIS A 59 -5.13 -8.94 -8.50
N TYR A 60 -4.67 -9.88 -7.69
CA TYR A 60 -5.08 -9.96 -6.29
C TYR A 60 -3.91 -10.37 -5.41
N TRP A 61 -3.80 -9.73 -4.23
CA TRP A 61 -2.79 -10.12 -3.25
C TRP A 61 -3.28 -9.71 -1.87
N GLU A 62 -2.63 -10.28 -0.84
CA GLU A 62 -3.09 -10.11 0.53
C GLU A 62 -1.91 -9.65 1.38
N VAL A 63 -2.22 -8.83 2.39
CA VAL A 63 -1.19 -8.27 3.27
C VAL A 63 -1.64 -8.44 4.70
N ASP A 64 -0.74 -8.95 5.53
CA ASP A 64 -0.96 -9.05 6.96
C ASP A 64 -0.57 -7.74 7.64
N VAL A 65 -1.49 -7.18 8.44
CA VAL A 65 -1.31 -5.90 9.12
C VAL A 65 -1.50 -6.05 10.63
N THR A 66 -1.43 -7.29 11.12
CA THR A 66 -1.83 -7.62 12.49
C THR A 66 -1.20 -6.69 13.52
N GLY A 67 -2.07 -6.08 14.32
CA GLY A 67 -1.61 -5.34 15.49
C GLY A 67 -0.94 -4.01 15.22
N LYS A 68 -0.77 -3.59 13.97
CA LYS A 68 -0.15 -2.31 13.68
C LYS A 68 -1.09 -1.14 13.91
N GLU A 69 -0.54 -0.04 14.45
CA GLU A 69 -1.36 1.15 14.70
C GLU A 69 -1.47 2.03 13.45
N ALA A 70 -0.66 1.80 12.40
CA ALA A 70 -0.77 2.54 11.16
C ALA A 70 -0.16 1.75 10.00
N TRP A 71 -0.73 1.96 8.81
CA TRP A 71 -0.25 1.34 7.57
C TRP A 71 -1.05 1.93 6.41
N ALA A 72 -0.50 1.83 5.19
CA ALA A 72 -1.26 2.21 4.02
C ALA A 72 -1.05 1.17 2.93
N LEU A 73 -2.10 0.89 2.16
CA LEU A 73 -2.01 -0.14 1.11
C LEU A 73 -2.78 0.30 -0.11
N GLY A 74 -2.37 -0.24 -1.29
CA GLY A 74 -3.17 -0.01 -2.50
C GLY A 74 -2.35 -0.18 -3.76
N VAL A 75 -2.63 0.68 -4.75
CA VAL A 75 -2.01 0.65 -6.05
C VAL A 75 -1.74 2.08 -6.45
N CYS A 76 -0.70 2.30 -7.26
CA CYS A 76 -0.54 3.64 -7.81
C CYS A 76 -0.02 3.55 -9.24
N ARG A 77 -0.14 4.67 -9.94
CA ARG A 77 0.54 4.77 -11.24
C ARG A 77 2.05 4.67 -11.09
N ASP A 78 2.72 3.99 -12.04
CA ASP A 78 4.19 4.03 -11.98
C ASP A 78 4.69 5.47 -12.08
N SER A 79 3.93 6.32 -12.74
CA SER A 79 4.36 7.67 -13.01
C SER A 79 4.21 8.62 -11.82
N VAL A 80 3.79 8.14 -10.63
CA VAL A 80 3.65 9.07 -9.50
C VAL A 80 4.99 9.65 -9.10
N ARG A 81 4.95 10.93 -8.69
CA ARG A 81 6.17 11.62 -8.21
C ARG A 81 6.77 10.86 -7.04
N ARG A 82 8.09 10.74 -7.01
CA ARG A 82 8.74 10.02 -5.92
C ARG A 82 9.41 10.96 -4.92
N LYS A 83 9.78 12.17 -5.33
CA LYS A 83 10.51 13.09 -4.45
C LYS A 83 9.56 14.13 -3.90
N GLY A 84 9.65 14.42 -2.60
CA GLY A 84 8.88 15.52 -2.07
C GLY A 84 7.57 15.06 -1.43
N HIS A 85 6.87 16.06 -0.90
CA HIS A 85 5.62 15.81 -0.22
C HIS A 85 4.47 15.84 -1.23
N PHE A 86 3.42 15.11 -0.91
CA PHE A 86 2.28 15.03 -1.80
C PHE A 86 1.07 14.49 -1.08
N LEU A 87 -0.07 14.59 -1.75
CA LEU A 87 -1.32 14.05 -1.24
C LEU A 87 -1.51 12.62 -1.71
N LEU A 88 -1.74 11.68 -0.77
CA LEU A 88 -2.10 10.31 -1.13
C LEU A 88 -3.56 10.33 -1.54
N SER A 89 -3.80 10.39 -2.84
CA SER A 89 -5.10 10.73 -3.36
C SER A 89 -5.36 10.11 -4.72
N SER A 90 -6.62 9.72 -4.95
CA SER A 90 -7.03 9.17 -6.24
C SER A 90 -7.21 10.26 -7.28
N LYS A 91 -6.94 11.52 -6.93
CA LYS A 91 -6.71 12.57 -7.90
C LYS A 91 -5.23 12.74 -8.24
N SER A 92 -4.30 12.12 -7.47
CA SER A 92 -2.87 12.22 -7.70
C SER A 92 -2.24 10.90 -8.13
N GLY A 93 -3.03 9.92 -8.57
CA GLY A 93 -2.44 8.65 -9.05
C GLY A 93 -2.30 7.53 -8.03
N PHE A 94 -2.94 7.63 -6.87
CA PHE A 94 -2.93 6.61 -5.83
C PHE A 94 -4.35 6.15 -5.55
N TRP A 95 -4.52 4.83 -5.36
CA TRP A 95 -5.82 4.26 -4.98
C TRP A 95 -5.50 3.44 -3.75
N THR A 96 -5.71 4.06 -2.59
CA THR A 96 -5.17 3.52 -1.35
C THR A 96 -6.19 3.69 -0.22
N ILE A 97 -6.04 2.84 0.79
CA ILE A 97 -6.68 3.03 2.09
C ILE A 97 -5.59 2.97 3.13
N TRP A 98 -5.93 3.47 4.31
CA TRP A 98 -4.90 3.41 5.36
C TRP A 98 -5.54 3.42 6.75
N LEU A 99 -4.72 3.09 7.73
CA LEU A 99 -5.03 3.20 9.14
C LEU A 99 -3.99 4.10 9.76
N TRP A 100 -4.40 4.97 10.68
CA TRP A 100 -3.43 5.63 11.54
C TRP A 100 -4.10 5.89 12.87
N ASN A 101 -3.28 6.21 13.88
CA ASN A 101 -3.80 6.50 15.22
C ASN A 101 -4.57 5.33 15.82
N LYS A 102 -4.22 4.10 15.40
CA LYS A 102 -4.73 2.85 15.94
C LYS A 102 -6.15 2.52 15.47
N GLN A 103 -7.02 3.51 15.28
CA GLN A 103 -8.40 3.18 14.90
C GLN A 103 -9.02 4.11 13.86
N LYS A 104 -8.23 4.97 13.20
CA LYS A 104 -8.75 5.87 12.16
C LYS A 104 -8.45 5.26 10.80
N TYR A 105 -9.45 4.61 10.22
CA TYR A 105 -9.35 4.06 8.87
C TYR A 105 -9.92 5.05 7.87
N GLU A 106 -9.21 5.26 6.77
CA GLU A 106 -9.64 6.23 5.76
C GLU A 106 -9.33 5.73 4.37
N ALA A 107 -10.17 6.10 3.42
CA ALA A 107 -9.86 5.85 2.03
C ALA A 107 -9.33 7.12 1.39
N GLY A 108 -8.31 6.98 0.55
CA GLY A 108 -7.68 8.11 -0.10
C GLY A 108 -8.37 8.68 -1.32
N THR A 109 -9.69 8.92 -1.18
CA THR A 109 -10.39 9.86 -2.04
C THR A 109 -9.90 11.27 -1.71
N TYR A 110 -10.35 12.26 -2.48
CA TYR A 110 -10.11 13.66 -2.10
C TYR A 110 -11.42 14.44 -2.21
N PRO A 111 -12.01 14.87 -1.09
CA PRO A 111 -11.40 14.71 0.21
C PRO A 111 -11.47 13.27 0.72
N GLN A 112 -10.70 12.96 1.76
CA GLN A 112 -10.66 11.58 2.32
C GLN A 112 -12.03 11.11 2.79
N THR A 113 -12.24 9.81 2.75
CA THR A 113 -13.49 9.18 3.15
C THR A 113 -13.24 8.39 4.44
N PRO A 114 -13.93 8.70 5.54
CA PRO A 114 -13.81 7.87 6.74
C PRO A 114 -14.43 6.51 6.51
N LEU A 115 -13.75 5.49 7.04
CA LEU A 115 -14.17 4.10 6.89
C LEU A 115 -14.56 3.56 8.26
N HIS A 116 -15.78 3.06 8.38
CA HIS A 116 -16.25 2.49 9.62
C HIS A 116 -16.21 0.98 9.52
N LEU A 117 -15.22 0.39 10.19
CA LEU A 117 -14.96 -1.04 10.12
C LEU A 117 -15.39 -1.68 11.44
N GLN A 118 -16.31 -2.65 11.38
CA GLN A 118 -16.80 -3.27 12.62
C GLN A 118 -15.77 -4.22 13.21
N VAL A 119 -15.03 -4.92 12.35
CA VAL A 119 -13.96 -5.85 12.66
C VAL A 119 -12.66 -5.24 12.17
N PRO A 120 -11.73 -4.87 13.05
CA PRO A 120 -10.42 -4.40 12.59
C PRO A 120 -9.75 -5.48 11.78
N PRO A 121 -9.30 -5.18 10.56
CA PRO A 121 -8.67 -6.24 9.76
C PRO A 121 -7.29 -6.60 10.28
N CYS A 122 -7.00 -7.90 10.27
CA CYS A 122 -5.67 -8.41 10.46
C CYS A 122 -5.00 -8.72 9.13
N GLN A 123 -5.80 -9.02 8.09
CA GLN A 123 -5.29 -9.17 6.75
C GLN A 123 -6.23 -8.45 5.82
N VAL A 124 -5.65 -7.84 4.79
CA VAL A 124 -6.38 -7.06 3.82
C VAL A 124 -6.11 -7.66 2.46
N GLY A 125 -7.15 -7.82 1.65
CA GLY A 125 -7.03 -8.26 0.28
C GLY A 125 -7.18 -7.06 -0.65
N ILE A 126 -6.34 -7.00 -1.67
CA ILE A 126 -6.35 -5.91 -2.65
C ILE A 126 -6.65 -6.54 -4.00
N PHE A 127 -7.78 -6.14 -4.61
CA PHE A 127 -8.17 -6.65 -5.93
C PHE A 127 -8.13 -5.53 -6.94
N LEU A 128 -7.28 -5.65 -7.96
CA LEU A 128 -7.19 -4.66 -9.03
C LEU A 128 -7.87 -5.22 -10.27
N ASP A 129 -8.82 -4.46 -10.83
CA ASP A 129 -9.40 -4.85 -12.13
C ASP A 129 -9.12 -3.72 -13.12
N TYR A 130 -8.06 -3.86 -13.93
CA TYR A 130 -7.61 -2.74 -14.75
C TYR A 130 -8.71 -2.28 -15.70
N GLU A 131 -9.31 -3.21 -16.47
CA GLU A 131 -10.28 -2.84 -17.47
C GLU A 131 -11.55 -2.30 -16.84
N ALA A 132 -11.89 -2.78 -15.64
CA ALA A 132 -13.09 -2.29 -14.96
C ALA A 132 -12.84 -0.94 -14.32
N GLY A 133 -11.59 -0.53 -14.23
CA GLY A 133 -11.27 0.74 -13.59
C GLY A 133 -11.55 0.69 -12.11
N MET A 134 -11.23 -0.43 -11.45
CA MET A 134 -11.57 -0.63 -10.04
C MET A 134 -10.40 -1.13 -9.20
N VAL A 135 -10.33 -0.66 -7.95
CA VAL A 135 -9.41 -1.19 -6.95
C VAL A 135 -10.26 -1.42 -5.71
N SER A 136 -10.37 -2.66 -5.28
CA SER A 136 -11.22 -3.03 -4.15
C SER A 136 -10.42 -3.61 -3.00
N PHE A 137 -10.82 -3.25 -1.77
CA PHE A 137 -10.11 -3.67 -0.57
C PHE A 137 -11.04 -4.52 0.29
N TYR A 138 -10.57 -5.72 0.68
CA TYR A 138 -11.39 -6.70 1.40
C TYR A 138 -10.81 -7.03 2.77
N ASN A 139 -11.72 -7.13 3.74
CA ASN A 139 -11.39 -7.47 5.13
C ASN A 139 -11.37 -8.99 5.26
N ILE A 140 -10.15 -9.58 5.22
CA ILE A 140 -10.09 -11.05 5.28
C ILE A 140 -10.54 -11.56 6.64
N THR A 141 -10.27 -10.80 7.70
CA THR A 141 -10.72 -11.15 9.04
C THR A 141 -12.24 -11.17 9.17
N ASP A 142 -12.95 -10.41 8.34
CA ASP A 142 -14.41 -10.39 8.42
C ASP A 142 -15.00 -11.10 7.20
N HIS A 143 -14.53 -12.30 6.87
CA HIS A 143 -15.13 -13.12 5.78
C HIS A 143 -15.08 -12.45 4.42
N GLY A 144 -14.12 -11.58 4.18
CA GLY A 144 -13.96 -10.89 2.92
C GLY A 144 -14.97 -9.78 2.66
N SER A 145 -15.52 -9.17 3.71
CA SER A 145 -16.40 -8.02 3.50
C SER A 145 -15.62 -6.88 2.84
N LEU A 146 -16.33 -6.04 2.10
CA LEU A 146 -15.73 -4.91 1.38
C LEU A 146 -15.40 -3.78 2.36
N ILE A 147 -14.11 -3.39 2.35
CA ILE A 147 -13.69 -2.20 3.10
C ILE A 147 -14.00 -0.95 2.29
N TYR A 148 -13.60 -0.95 1.02
CA TYR A 148 -13.81 0.22 0.16
C TYR A 148 -13.50 -0.22 -1.24
N SER A 149 -14.17 0.37 -2.22
CA SER A 149 -13.78 0.18 -3.62
CA SER A 149 -13.83 0.19 -3.63
C SER A 149 -13.75 1.53 -4.34
N PHE A 150 -12.66 1.77 -5.05
CA PHE A 150 -12.54 2.86 -6.00
C PHE A 150 -13.04 2.36 -7.35
N SER A 151 -13.92 3.13 -7.99
CA SER A 151 -14.42 2.82 -9.32
C SER A 151 -14.20 4.02 -10.24
N GLU A 152 -14.37 3.81 -11.55
CA GLU A 152 -14.17 4.87 -12.53
C GLU A 152 -12.73 5.40 -12.52
N CYS A 153 -11.75 4.52 -12.27
CA CYS A 153 -10.35 4.97 -12.22
C CYS A 153 -9.72 5.28 -13.60
N ALA A 154 -10.12 4.63 -14.68
CA ALA A 154 -9.65 5.00 -16.03
C ALA A 154 -8.11 5.07 -16.10
N PHE A 155 -7.53 3.90 -15.96
CA PHE A 155 -6.08 3.75 -15.90
C PHE A 155 -5.43 3.88 -17.28
N THR A 156 -4.21 4.46 -17.28
CA THR A 156 -3.32 4.35 -18.45
C THR A 156 -1.92 3.99 -17.97
N GLY A 157 -1.20 3.20 -18.74
CA GLY A 157 0.11 2.85 -18.31
C GLY A 157 0.14 1.82 -17.20
N PRO A 158 1.35 1.48 -16.76
CA PRO A 158 1.49 0.45 -15.75
C PRO A 158 1.18 0.95 -14.36
N LEU A 159 0.52 0.09 -13.58
CA LEU A 159 0.26 0.34 -12.18
C LEU A 159 1.20 -0.50 -11.33
N ARG A 160 1.39 -0.09 -10.10
CA ARG A 160 2.30 -0.80 -9.20
C ARG A 160 1.60 -1.04 -7.86
N PRO A 161 1.88 -2.17 -7.19
CA PRO A 161 1.41 -2.32 -5.78
C PRO A 161 2.10 -1.28 -4.91
N PHE A 162 1.36 -0.75 -3.96
CA PHE A 162 1.84 0.32 -3.07
C PHE A 162 1.73 -0.12 -1.62
N PHE A 163 2.76 0.20 -0.80
CA PHE A 163 2.80 -0.17 0.61
C PHE A 163 3.47 0.89 1.47
N SER A 164 2.92 1.03 2.67
CA SER A 164 3.64 1.76 3.77
C SER A 164 3.37 1.06 5.09
N PRO A 165 4.41 0.74 5.87
CA PRO A 165 4.18 0.16 7.21
C PRO A 165 3.94 1.21 8.29
N GLY A 166 3.73 2.45 7.89
CA GLY A 166 3.52 3.48 8.88
C GLY A 166 4.32 4.71 8.56
N PHE A 167 4.13 5.78 9.33
CA PHE A 167 4.95 6.97 9.25
C PHE A 167 5.89 7.03 10.46
N ASN A 168 6.88 7.91 10.38
CA ASN A 168 7.84 7.96 11.50
C ASN A 168 7.26 8.71 12.69
N ASP A 169 7.37 8.08 13.87
CA ASP A 169 6.69 8.51 15.10
C ASP A 169 7.49 8.48 16.37
N GLY A 170 8.68 7.93 16.35
CA GLY A 170 9.43 7.89 17.57
C GLY A 170 9.70 6.44 17.89
N GLY A 171 9.97 5.68 16.82
CA GLY A 171 10.28 4.27 16.92
C GLY A 171 9.10 3.36 17.21
N LYS A 172 7.89 3.90 17.28
CA LYS A 172 6.72 3.06 17.49
C LYS A 172 6.25 2.38 16.20
N ASN A 173 5.34 1.39 16.36
CA ASN A 173 4.75 0.71 15.19
C ASN A 173 5.79 0.00 14.33
N THR A 174 6.64 -0.81 14.97
CA THR A 174 7.72 -1.46 14.22
C THR A 174 7.39 -2.85 13.71
N ALA A 175 6.16 -3.34 13.86
CA ALA A 175 5.82 -4.64 13.29
C ALA A 175 5.75 -4.54 11.76
N PRO A 176 6.06 -5.62 11.06
CA PRO A 176 6.11 -5.56 9.59
C PRO A 176 4.74 -5.73 8.96
N LEU A 177 4.64 -5.21 7.75
CA LEU A 177 3.65 -5.61 6.77
C LEU A 177 4.23 -6.87 6.12
N THR A 178 3.42 -7.91 6.01
CA THR A 178 3.90 -9.18 5.44
C THR A 178 2.98 -9.58 4.30
N LEU A 179 3.56 -9.86 3.13
CA LEU A 179 2.73 -10.40 2.05
C LEU A 179 2.37 -11.84 2.36
N CYS A 180 1.06 -12.14 2.36
CA CYS A 180 0.62 -13.49 2.68
C CYS A 180 0.89 -14.47 1.56
N PRO A 181 1.34 -15.68 1.89
CA PRO A 181 1.39 -16.74 0.88
C PRO A 181 0.01 -17.01 0.32
N LEU A 182 -0.05 -17.14 -0.99
CA LEU A 182 -1.30 -17.36 -1.69
C LEU A 182 -1.25 -18.77 -2.32
S5 PMZ B . 2.12 8.76 5.56
N1 PMZ B . -0.67 8.93 6.40
C1 PMZ B . -1.35 10.53 4.64
C2 PMZ B . -1.06 11.30 3.51
C3 PMZ B . 0.25 11.33 3.02
C4 PMZ B . 1.22 10.51 3.62
C5 PMZ B . 0.89 9.74 4.76
C6 PMZ B . -0.39 9.73 5.28
C7 PMZ B . 1.19 7.39 6.12
C8 PMZ B . 1.76 6.09 6.17
C9 PMZ B . 1.00 5.04 6.68
C10 PMZ B . -0.31 5.26 7.07
C11 PMZ B . -0.89 6.53 6.97
C12 PMZ B . -0.16 7.63 6.51
CA1 PMZ B . -1.88 9.28 7.16
CB1 PMZ B . -1.72 10.55 8.02
CG PMZ B . -0.55 10.45 9.03
ND PMZ B . -0.14 11.80 9.45
CE1 PMZ B . -1.26 12.53 10.09
CE2 PMZ B . 1.05 11.74 10.35
CA2 PMZ B . -2.13 12.14 2.89
CB2 PMZ B . -3.56 12.09 3.37
OB3 PMZ B . -1.77 12.87 1.94
H1 PMZ B . -2.37 10.57 5.02
H3 PMZ B . 0.53 11.97 2.18
H4 PMZ B . 2.23 10.46 3.22
H8 PMZ B . 2.79 5.94 5.83
H9 PMZ B . 1.44 4.03 6.76
H10 PMZ B . -0.91 4.44 7.46
H11 PMZ B . -1.93 6.65 7.27
HA11 PMZ B . -2.17 8.43 7.82
HA12 PMZ B . -2.73 9.42 6.46
HB11 PMZ B . -2.65 10.74 8.55
HB12 PMZ B . -1.56 11.40 7.36
HG1 PMZ B . 0.34 9.94 8.60
HG2 PMZ B . -0.83 9.87 9.94
HE11 PMZ B . -1.67 11.91 10.89
HE12 PMZ B . -0.87 13.47 10.51
HE13 PMZ B . -2.02 12.73 9.33
HE21 PMZ B . 0.78 11.15 11.25
HE22 PMZ B . 1.87 11.24 9.81
HE23 PMZ B . 1.35 12.75 10.63
HB21 PMZ B . -3.64 12.42 4.41
HB22 PMZ B . -4.21 12.73 2.75
HB23 PMZ B . -3.96 11.05 3.32
H041 PMZ B . 0.19 12.40 8.64
C FMT C . -0.10 16.76 -4.15
O1 FMT C . -0.12 15.55 -4.34
O2 FMT C . 0.88 17.45 -3.82
C FMT D . -9.88 -13.92 -4.85
O1 FMT D . -9.45 -14.02 -6.01
O2 FMT D . -10.86 -13.24 -4.51
C FMT E . -5.97 18.67 -6.11
O1 FMT E . -6.80 18.97 -5.25
O2 FMT E . -5.88 17.52 -6.55
#